data_6BJQ
#
_entry.id   6BJQ
#
_cell.length_a   179.788
_cell.length_b   179.788
_cell.length_c   134.494
_cell.angle_alpha   90.00
_cell.angle_beta   90.00
_cell.angle_gamma   120.00
#
_symmetry.space_group_name_H-M   'P 64 2 2'
#
loop_
_entity.id
_entity.type
_entity.pdbx_description
1 polymer 'Glycoside Hydrolase Family 2 candidate b-glucuronidase'
2 non-polymer 'beta-D-glucopyranuronic acid'
3 water water
#
_entity_poly.entity_id   1
_entity_poly.type   'polypeptide(L)'
_entity_poly.pdbx_seq_one_letter_code
;MHHHHHHSSGVDLGTENLYFQSNAMLYPVLTQSRLLSDLSGVWDFKLDNGKGFEEKWYEKPLKDADTMPVPASYNDLKEG
TDFRDHYGWVFYQRNISVPEYVKSQRIVLRCAAVTHYAMIYLNGKLICEHKGGFLPFEVELNDDLQDGDNLLTIAVNNVI
DYTTLPVGGKANMMSGMMGGMGAGASDKPQNNPNFDFFNYCGITRPVKIYTTPETYINDITVTADIDFTKEEPSAVLNYN
VEIKGKDYNNITCKVELFDEEGTKLSETEGSEGTFEISNVRLWQPLNAYLYKIKVTAGQDVYTLPYGVRSVRVDGTKFLI
NEKPFYFKGYGKHEDTFPNGRGINLPMNTKDISIMKWQHANSFRTSHYPYSEEMMRLCDEEGIVVIDETTAVGVNLQFGG
GANFGGERIGTFDKEHGVQTQEHHKDVIRDLISRDKNHACVVMWSIANEPDSAAEGAYDYFKPLYDLARELDPQKRPCTL
VSVQGTTADTDCSSQLSDVICLNRYYGWYFGGPDLEVSEIGLRKELSDWGKLGKPVMFTEYGADTVSGLHDTTSVMYTEE
YQVEYYEMNNKVFDEFDFVVGEQAWNFADFATSQSLLRVQGNKKGLFTRDRKPKMVAHYFRNRWSTIPEFGYKT
;
_entity_poly.pdbx_strand_id   A
#
loop_
_chem_comp.id
_chem_comp.type
_chem_comp.name
_chem_comp.formula
BDP D-saccharide, beta linking 'beta-D-glucopyranuronic acid' 'C6 H10 O7'
#
# COMPACT_ATOMS: atom_id res chain seq x y z
N ASN A 23 0.46 -9.17 17.02
CA ASN A 23 0.70 -9.69 15.68
C ASN A 23 -0.50 -9.43 14.77
N ALA A 24 -1.66 -9.97 15.13
CA ALA A 24 -2.84 -9.97 14.28
C ALA A 24 -3.80 -8.86 14.69
N MET A 25 -4.45 -8.26 13.68
CA MET A 25 -5.34 -7.12 13.90
C MET A 25 -6.50 -7.24 12.92
N LEU A 26 -7.71 -7.41 13.44
CA LEU A 26 -8.91 -7.44 12.61
C LEU A 26 -9.47 -6.03 12.46
N TYR A 27 -10.15 -5.79 11.36
CA TYR A 27 -10.72 -4.48 11.10
C TYR A 27 -11.84 -4.20 12.10
N PRO A 28 -11.73 -3.16 12.92
CA PRO A 28 -12.80 -2.86 13.88
C PRO A 28 -14.08 -2.44 13.17
N VAL A 29 -15.19 -2.94 13.69
CA VAL A 29 -16.51 -2.69 13.11
C VAL A 29 -17.53 -2.99 14.19
N LEU A 30 -18.65 -2.28 14.16
CA LEU A 30 -19.69 -2.48 15.17
C LEU A 30 -20.29 -3.88 15.04
N THR A 31 -20.40 -4.55 16.19
CA THR A 31 -20.91 -5.91 16.25
C THR A 31 -21.80 -6.04 17.48
N GLN A 32 -22.33 -7.24 17.69
CA GLN A 32 -23.19 -7.49 18.85
C GLN A 32 -22.47 -7.30 20.17
N SER A 33 -21.14 -7.47 20.20
CA SER A 33 -20.38 -7.50 21.43
C SER A 33 -19.37 -6.38 21.57
N ARG A 34 -18.99 -5.71 20.48
CA ARG A 34 -17.98 -4.67 20.50
C ARG A 34 -18.61 -3.34 20.11
N LEU A 35 -18.07 -2.28 20.67
CA LEU A 35 -18.47 -0.93 20.27
C LEU A 35 -17.52 -0.44 19.18
N LEU A 36 -17.62 0.86 18.87
CA LEU A 36 -16.70 1.50 17.94
C LEU A 36 -16.93 3.01 17.99
N SER A 37 -16.04 3.72 18.66
CA SER A 37 -16.18 5.15 18.84
C SER A 37 -15.08 5.86 18.04
N ASP A 38 -15.46 6.40 16.88
CA ASP A 38 -14.50 7.12 16.04
C ASP A 38 -14.13 8.43 16.69
N LEU A 39 -12.84 8.62 16.97
CA LEU A 39 -12.37 9.87 17.55
C LEU A 39 -12.05 10.92 16.51
N SER A 40 -12.41 10.67 15.26
CA SER A 40 -12.14 11.62 14.18
C SER A 40 -12.80 12.95 14.47
N GLY A 41 -12.08 14.02 14.14
CA GLY A 41 -12.58 15.35 14.38
C GLY A 41 -11.42 16.34 14.35
N VAL A 42 -11.68 17.53 14.86
CA VAL A 42 -10.68 18.57 14.95
C VAL A 42 -10.01 18.47 16.32
N TRP A 43 -8.74 18.11 16.32
CA TRP A 43 -7.95 18.03 17.55
C TRP A 43 -7.15 19.30 17.74
N ASP A 44 -6.54 19.41 18.92
CA ASP A 44 -5.54 20.44 19.15
C ASP A 44 -4.21 20.02 18.53
N PHE A 45 -3.40 21.00 18.16
CA PHE A 45 -2.21 20.72 17.38
C PHE A 45 -1.14 21.77 17.69
N LYS A 46 0.12 21.34 17.66
CA LYS A 46 1.23 22.25 17.92
C LYS A 46 2.49 21.62 17.37
N LEU A 47 3.35 22.44 16.76
CA LEU A 47 4.62 21.99 16.22
C LEU A 47 5.70 22.01 17.31
N ASP A 48 6.47 20.93 17.38
CA ASP A 48 7.61 20.87 18.29
C ASP A 48 8.65 21.93 17.91
N ASN A 49 9.39 22.43 18.91
CA ASN A 49 10.18 23.63 18.67
C ASN A 49 11.60 23.72 19.26
N GLY A 50 12.29 22.63 19.62
CA GLY A 50 11.81 21.27 19.79
C GLY A 50 11.82 20.94 21.26
N LYS A 51 11.48 21.93 22.08
CA LYS A 51 11.42 21.81 23.53
C LYS A 51 10.17 21.08 24.02
N GLY A 52 9.47 20.36 23.15
CA GLY A 52 8.20 19.78 23.55
C GLY A 52 8.33 18.73 24.64
N PHE A 53 9.37 17.92 24.58
CA PHE A 53 9.53 16.83 25.55
C PHE A 53 10.20 17.31 26.84
N GLU A 54 11.11 18.28 26.74
CA GLU A 54 11.68 18.90 27.92
C GLU A 54 10.59 19.44 28.84
N GLU A 55 9.68 20.25 28.28
CA GLU A 55 8.63 20.89 29.05
C GLU A 55 7.41 20.00 29.25
N LYS A 56 7.46 18.74 28.81
CA LYS A 56 6.39 17.76 28.99
C LYS A 56 5.04 18.34 28.58
N TRP A 57 4.93 18.69 27.30
CA TRP A 57 3.66 19.20 26.77
C TRP A 57 2.57 18.15 26.86
N TYR A 58 2.95 16.87 26.87
CA TYR A 58 1.97 15.79 26.98
C TYR A 58 1.30 15.76 28.35
N GLU A 59 1.90 16.40 29.35
CA GLU A 59 1.32 16.42 30.69
C GLU A 59 0.04 17.25 30.73
N LYS A 60 0.14 18.51 30.35
CA LYS A 60 -0.93 19.48 30.38
C LYS A 60 -1.57 19.62 29.01
N PRO A 61 -2.71 20.30 28.91
CA PRO A 61 -3.23 20.67 27.60
C PRO A 61 -2.31 21.67 26.92
N LEU A 62 -2.34 21.65 25.59
CA LEU A 62 -1.40 22.44 24.81
C LEU A 62 -1.80 23.92 24.83
N LYS A 63 -0.79 24.78 24.94
CA LYS A 63 -0.98 26.22 24.92
C LYS A 63 -0.57 26.78 23.57
N ASP A 64 -1.23 27.86 23.15
CA ASP A 64 -1.02 28.48 21.84
C ASP A 64 -1.23 27.47 20.72
N ALA A 65 -2.06 26.47 20.97
CA ALA A 65 -2.25 25.40 20.00
C ALA A 65 -3.08 25.88 18.80
N ASP A 66 -2.76 25.33 17.65
CA ASP A 66 -3.60 25.48 16.46
C ASP A 66 -4.53 24.27 16.37
N THR A 67 -5.34 24.26 15.32
CA THR A 67 -6.32 23.20 15.10
C THR A 67 -5.88 22.31 13.94
N MET A 68 -6.33 21.05 13.96
CA MET A 68 -5.95 20.10 12.94
C MET A 68 -6.95 18.95 12.89
N PRO A 69 -7.54 18.68 11.73
CA PRO A 69 -8.47 17.56 11.64
C PRO A 69 -7.75 16.23 11.65
N VAL A 70 -8.46 15.20 12.09
CA VAL A 70 -7.94 13.83 12.13
C VAL A 70 -9.05 12.95 11.58
N PRO A 71 -8.76 12.02 10.64
CA PRO A 71 -7.44 11.71 10.08
C PRO A 71 -7.08 12.54 8.86
N ALA A 72 -5.80 12.93 8.76
CA ALA A 72 -5.29 13.68 7.62
C ALA A 72 -3.81 13.97 7.79
N SER A 73 -3.06 13.93 6.69
CA SER A 73 -1.73 14.51 6.70
C SER A 73 -1.84 16.00 6.95
N TYR A 74 -0.97 16.53 7.81
CA TYR A 74 -1.07 17.93 8.21
C TYR A 74 -0.32 18.88 7.28
N ASN A 75 0.41 18.37 6.30
CA ASN A 75 1.41 19.20 5.64
C ASN A 75 0.79 20.31 4.80
N ASP A 76 -0.35 20.02 4.17
CA ASP A 76 -0.98 20.97 3.27
C ASP A 76 -2.15 21.72 3.90
N LEU A 77 -2.37 21.56 5.20
CA LEU A 77 -3.54 22.15 5.84
C LEU A 77 -3.25 23.49 6.49
N LYS A 78 -2.02 24.00 6.37
CA LYS A 78 -1.68 25.35 6.80
C LYS A 78 -0.79 25.96 5.73
N GLU A 79 -0.50 27.25 5.89
CA GLU A 79 0.27 27.97 4.89
C GLU A 79 1.69 28.20 5.39
N GLY A 80 2.60 28.42 4.44
CA GLY A 80 3.98 28.70 4.75
C GLY A 80 4.88 27.49 4.53
N THR A 81 6.08 27.74 3.98
CA THR A 81 7.03 26.66 3.73
C THR A 81 7.51 26.04 5.03
N ASP A 82 7.62 26.83 6.10
CA ASP A 82 8.09 26.29 7.37
C ASP A 82 7.14 25.23 7.91
N PHE A 83 5.84 25.43 7.75
CA PHE A 83 4.89 24.42 8.20
C PHE A 83 4.91 23.19 7.30
N ARG A 84 4.88 23.40 5.98
CA ARG A 84 4.81 22.28 5.06
C ARG A 84 6.07 21.44 5.12
N ASP A 85 7.24 22.09 5.19
CA ASP A 85 8.52 21.40 5.23
C ASP A 85 9.05 21.25 6.65
N HIS A 86 8.15 21.13 7.64
CA HIS A 86 8.58 21.03 9.02
C HIS A 86 9.43 19.77 9.23
N TYR A 87 10.43 19.89 10.09
CA TYR A 87 11.31 18.78 10.43
C TYR A 87 11.11 18.42 11.90
N GLY A 88 10.80 17.15 12.15
CA GLY A 88 10.75 16.67 13.51
C GLY A 88 9.41 16.19 14.01
N TRP A 89 8.98 16.73 15.15
CA TRP A 89 7.81 16.25 15.84
C TRP A 89 6.66 17.24 15.74
N VAL A 90 5.43 16.70 15.82
CA VAL A 90 4.22 17.47 15.99
C VAL A 90 3.42 16.81 17.10
N PHE A 91 2.54 17.59 17.73
CA PHE A 91 1.78 17.12 18.88
C PHE A 91 0.28 17.26 18.61
N TYR A 92 -0.39 16.12 18.48
CA TYR A 92 -1.85 16.08 18.49
C TYR A 92 -2.32 15.92 19.94
N GLN A 93 -3.51 16.43 20.22
CA GLN A 93 -4.05 16.37 21.57
C GLN A 93 -5.57 16.48 21.50
N ARG A 94 -6.23 15.74 22.39
CA ARG A 94 -7.68 15.64 22.41
C ARG A 94 -8.09 14.93 23.69
N ASN A 95 -9.17 15.39 24.29
CA ASN A 95 -9.66 14.76 25.50
C ASN A 95 -10.67 13.68 25.16
N ILE A 96 -10.67 12.61 25.96
CA ILE A 96 -11.64 11.53 25.81
C ILE A 96 -12.26 11.19 27.15
N SER A 97 -13.42 10.53 27.11
CA SER A 97 -14.13 10.16 28.33
C SER A 97 -15.01 8.95 28.06
N VAL A 98 -15.04 8.03 29.01
CA VAL A 98 -15.79 6.78 28.89
C VAL A 98 -16.65 6.58 30.13
N PRO A 99 -17.93 6.20 29.96
CA PRO A 99 -18.73 5.84 31.14
C PRO A 99 -18.33 4.48 31.69
N GLU A 100 -18.58 4.30 32.98
CA GLU A 100 -18.10 3.13 33.69
C GLU A 100 -18.89 1.88 33.36
N TYR A 101 -20.07 2.03 32.80
CA TYR A 101 -20.89 0.84 32.63
C TYR A 101 -20.39 -0.09 31.51
N VAL A 102 -19.22 0.19 30.92
CA VAL A 102 -18.58 -0.68 29.96
C VAL A 102 -17.10 -0.83 30.24
N LYS A 103 -16.60 -0.23 31.32
CA LYS A 103 -15.30 -0.59 31.88
C LYS A 103 -15.24 -2.08 32.21
N SER A 104 -16.40 -2.73 32.35
CA SER A 104 -16.45 -4.19 32.43
C SER A 104 -15.78 -4.82 31.22
N GLN A 105 -15.95 -4.20 30.06
CA GLN A 105 -15.32 -4.65 28.84
C GLN A 105 -13.88 -4.16 28.79
N ARG A 106 -13.11 -4.71 27.86
CA ARG A 106 -11.76 -4.21 27.62
C ARG A 106 -11.82 -3.04 26.65
N ILE A 107 -11.01 -2.02 26.91
CA ILE A 107 -10.98 -0.81 26.11
C ILE A 107 -9.67 -0.80 25.34
N VAL A 108 -9.76 -0.76 24.01
CA VAL A 108 -8.58 -0.80 23.16
C VAL A 108 -8.64 0.36 22.17
N LEU A 109 -7.47 0.91 21.86
CA LEU A 109 -7.34 2.09 21.01
C LEU A 109 -6.59 1.70 19.74
N ARG A 110 -7.31 1.66 18.61
CA ARG A 110 -6.74 1.25 17.33
C ARG A 110 -6.36 2.48 16.53
N CYS A 111 -5.05 2.74 16.42
CA CYS A 111 -4.51 3.75 15.50
C CYS A 111 -4.31 3.08 14.14
N ALA A 112 -5.17 3.39 13.18
CA ALA A 112 -5.11 2.73 11.88
C ALA A 112 -3.78 3.00 11.18
N ALA A 113 -3.20 4.19 11.36
CA ALA A 113 -1.90 4.54 10.81
C ALA A 113 -1.46 5.89 11.34
N VAL A 114 -0.20 5.96 11.77
CA VAL A 114 0.43 7.21 12.19
C VAL A 114 1.79 7.29 11.51
N THR A 115 1.99 8.31 10.68
CA THR A 115 3.15 8.42 9.81
C THR A 115 4.07 9.51 10.35
N HIS A 116 5.28 9.14 10.76
CA HIS A 116 5.82 7.78 10.64
C HIS A 116 5.89 7.06 11.98
N TYR A 117 6.49 7.75 12.95
CA TYR A 117 6.73 7.22 14.29
C TYR A 117 5.78 7.87 15.29
N ALA A 118 5.03 7.06 16.01
CA ALA A 118 4.01 7.52 16.95
C ALA A 118 4.44 7.30 18.39
N MET A 119 4.03 8.23 19.27
CA MET A 119 4.25 8.11 20.70
C MET A 119 2.95 8.55 21.39
N ILE A 120 2.26 7.60 22.01
CA ILE A 120 0.94 7.82 22.58
C ILE A 120 1.08 8.01 24.08
N TYR A 121 0.88 9.24 24.54
CA TYR A 121 0.76 9.54 25.97
C TYR A 121 -0.70 9.51 26.39
N LEU A 122 -0.94 9.49 27.71
CA LEU A 122 -2.28 9.67 28.29
C LEU A 122 -2.13 10.12 29.72
N ASN A 123 -2.71 11.26 30.07
CA ASN A 123 -2.56 11.89 31.39
C ASN A 123 -1.10 12.17 31.74
N GLY A 124 -0.20 12.06 30.75
CA GLY A 124 1.21 12.30 30.94
C GLY A 124 2.07 11.06 30.92
N LYS A 125 1.49 9.87 30.77
CA LYS A 125 2.21 8.61 30.83
C LYS A 125 2.34 8.03 29.43
N LEU A 126 3.56 7.65 29.05
CA LEU A 126 3.78 7.03 27.75
C LEU A 126 3.20 5.62 27.74
N ILE A 127 2.08 5.42 27.05
CA ILE A 127 1.45 4.10 27.04
C ILE A 127 1.96 3.23 25.90
N CYS A 128 2.22 3.83 24.74
CA CYS A 128 2.58 3.03 23.58
C CYS A 128 3.58 3.78 22.71
N GLU A 129 4.30 3.00 21.90
CA GLU A 129 5.18 3.51 20.86
C GLU A 129 4.98 2.65 19.63
N HIS A 130 5.24 3.24 18.46
CA HIS A 130 5.13 2.48 17.22
C HIS A 130 6.02 3.08 16.14
N LYS A 131 6.66 2.21 15.38
CA LYS A 131 7.43 2.58 14.21
C LYS A 131 6.80 1.92 13.00
N GLY A 132 6.39 2.73 12.02
CA GLY A 132 5.68 2.21 10.88
C GLY A 132 4.48 3.07 10.52
N GLY A 133 4.63 3.87 9.48
CA GLY A 133 3.65 4.90 9.17
C GLY A 133 2.46 4.46 8.36
N PHE A 134 2.33 3.17 8.04
CA PHE A 134 1.28 2.76 7.11
C PHE A 134 0.61 1.45 7.53
N LEU A 135 0.77 1.02 8.77
CA LEU A 135 0.16 -0.22 9.25
C LEU A 135 -0.40 0.00 10.65
N PRO A 136 -1.52 -0.65 10.97
CA PRO A 136 -2.20 -0.36 12.23
C PRO A 136 -1.47 -0.92 13.45
N PHE A 137 -1.83 -0.39 14.61
CA PHE A 137 -1.31 -0.83 15.89
C PHE A 137 -2.26 -0.37 16.98
N GLU A 138 -2.44 -1.20 18.02
CA GLU A 138 -3.36 -0.86 19.09
C GLU A 138 -2.69 -0.96 20.44
N VAL A 139 -3.35 -0.37 21.44
CA VAL A 139 -2.95 -0.44 22.83
C VAL A 139 -4.21 -0.57 23.67
N GLU A 140 -4.03 -1.06 24.89
CA GLU A 140 -5.16 -1.31 25.78
C GLU A 140 -5.27 -0.17 26.80
N LEU A 141 -6.51 0.23 27.08
CA LEU A 141 -6.78 1.45 27.84
C LEU A 141 -7.33 1.22 29.24
N ASN A 142 -7.74 -0.01 29.58
CA ASN A 142 -8.42 -0.24 30.87
C ASN A 142 -7.62 0.26 32.05
N ASP A 143 -6.30 0.11 32.00
CA ASP A 143 -5.46 0.35 33.16
C ASP A 143 -5.27 1.85 33.43
N ASP A 144 -4.86 2.61 32.41
CA ASP A 144 -4.53 4.01 32.60
C ASP A 144 -5.70 4.95 32.32
N LEU A 145 -6.92 4.45 32.20
CA LEU A 145 -8.08 5.28 31.91
C LEU A 145 -8.81 5.61 33.21
N GLN A 146 -8.32 6.64 33.90
CA GLN A 146 -9.04 7.18 35.04
C GLN A 146 -10.39 7.74 34.60
N ASP A 147 -11.27 7.94 35.58
CA ASP A 147 -12.58 8.44 35.21
C ASP A 147 -12.58 9.96 35.10
N GLY A 148 -13.61 10.47 34.45
CA GLY A 148 -13.67 11.88 34.13
C GLY A 148 -13.19 12.12 32.71
N ASP A 149 -12.59 13.28 32.48
CA ASP A 149 -12.03 13.63 31.19
C ASP A 149 -10.53 13.35 31.20
N ASN A 150 -10.07 12.52 30.27
CA ASN A 150 -8.68 12.09 30.19
C ASN A 150 -8.00 12.67 28.96
N LEU A 151 -6.83 13.29 29.19
CA LEU A 151 -6.10 14.01 28.15
C LEU A 151 -5.27 13.05 27.33
N LEU A 152 -5.62 12.90 26.06
CA LEU A 152 -4.89 12.03 25.12
C LEU A 152 -3.98 12.89 24.25
N THR A 153 -2.70 12.51 24.19
CA THR A 153 -1.72 13.22 23.39
C THR A 153 -1.01 12.21 22.49
N ILE A 154 -0.91 12.52 21.21
CA ILE A 154 -0.17 11.73 20.24
C ILE A 154 0.92 12.61 19.65
N ALA A 155 2.16 12.18 19.77
CA ALA A 155 3.29 12.86 19.15
C ALA A 155 3.68 12.10 17.90
N VAL A 156 3.85 12.84 16.79
CA VAL A 156 4.14 12.24 15.50
C VAL A 156 5.47 12.79 15.01
N ASN A 157 6.35 11.88 14.57
CA ASN A 157 7.65 12.24 14.03
C ASN A 157 7.67 11.93 12.54
N ASN A 158 8.38 12.76 11.77
CA ASN A 158 8.45 12.61 10.33
C ASN A 158 9.85 12.31 9.82
N VAL A 159 10.84 12.15 10.70
CA VAL A 159 12.22 11.97 10.27
C VAL A 159 12.37 10.64 9.55
N ILE A 160 13.10 10.66 8.44
CA ILE A 160 13.37 9.47 7.64
C ILE A 160 14.88 9.40 7.42
N ASP A 161 15.42 8.18 7.42
CA ASP A 161 16.85 7.98 7.26
C ASP A 161 17.09 6.54 6.79
N TYR A 162 18.32 6.06 6.99
CA TYR A 162 18.66 4.70 6.59
C TYR A 162 18.05 3.64 7.49
N THR A 163 17.32 4.02 8.54
CA THR A 163 16.70 3.07 9.44
C THR A 163 15.19 2.95 9.26
N THR A 164 14.58 3.74 8.40
CA THR A 164 13.14 3.77 8.24
C THR A 164 12.73 3.20 6.89
N LEU A 165 11.49 2.75 6.82
CA LEU A 165 10.86 2.37 5.57
C LEU A 165 9.60 3.21 5.40
N PRO A 166 9.52 4.11 4.41
CA PRO A 166 10.50 4.36 3.34
C PRO A 166 11.82 4.97 3.81
N VAL A 167 12.82 4.97 2.93
CA VAL A 167 14.18 5.36 3.30
C VAL A 167 14.37 6.84 3.07
N GLY A 168 14.97 7.52 4.05
CA GLY A 168 15.40 8.89 3.90
C GLY A 168 16.87 8.97 3.51
N GLY A 169 17.17 9.86 2.56
CA GLY A 169 18.51 10.03 2.04
C GLY A 169 19.26 11.16 2.69
N LYS A 170 20.28 11.65 1.97
CA LYS A 170 21.09 12.77 2.41
C LYS A 170 20.96 14.00 1.53
N ALA A 171 20.28 13.89 0.39
CA ALA A 171 20.05 15.01 -0.52
C ALA A 171 18.86 14.66 -1.40
N ASN A 172 18.57 15.54 -2.36
CA ASN A 172 17.42 15.34 -3.23
C ASN A 172 17.59 14.09 -4.10
N MET A 173 16.49 13.35 -4.27
CA MET A 173 16.54 12.07 -4.97
C MET A 173 16.93 12.24 -6.44
N MET A 174 16.64 13.39 -7.04
CA MET A 174 16.90 13.61 -8.46
C MET A 174 18.28 14.20 -8.73
N SER A 175 19.02 14.56 -7.69
CA SER A 175 20.38 15.11 -7.82
C SER A 175 21.26 14.26 -8.76
N MET A 181 23.55 21.46 -9.74
CA MET A 181 22.27 22.16 -9.70
C MET A 181 21.35 21.57 -8.62
N GLY A 182 20.43 22.39 -8.13
CA GLY A 182 19.55 22.01 -7.03
C GLY A 182 19.80 22.88 -5.80
N ALA A 183 19.62 22.27 -4.63
CA ALA A 183 19.91 22.90 -3.35
C ALA A 183 21.08 22.15 -2.68
N GLY A 184 21.07 22.09 -1.36
CA GLY A 184 22.06 21.33 -0.61
C GLY A 184 22.99 22.18 0.25
N ALA A 185 22.98 23.50 0.10
CA ALA A 185 23.88 24.38 0.83
C ALA A 185 23.32 24.82 2.17
N SER A 186 22.21 24.23 2.62
CA SER A 186 21.53 24.67 3.82
C SER A 186 21.87 23.76 4.99
N ASP A 187 22.10 24.37 6.16
CA ASP A 187 22.37 23.65 7.39
C ASP A 187 21.09 23.27 8.14
N LYS A 188 19.97 23.89 7.81
CA LYS A 188 18.71 23.57 8.47
C LYS A 188 18.42 22.08 8.31
N PRO A 189 18.14 21.36 9.40
CA PRO A 189 17.82 19.94 9.27
C PRO A 189 16.56 19.74 8.44
N GLN A 190 16.65 18.82 7.48
CA GLN A 190 15.58 18.62 6.52
C GLN A 190 15.50 17.14 6.18
N ASN A 191 14.29 16.70 5.86
CA ASN A 191 14.12 15.36 5.28
C ASN A 191 14.42 15.42 3.80
N ASN A 192 15.09 14.38 3.31
CA ASN A 192 15.43 14.25 1.89
C ASN A 192 14.97 12.87 1.44
N PRO A 193 13.72 12.75 0.99
CA PRO A 193 13.17 11.43 0.62
C PRO A 193 14.00 10.76 -0.46
N ASN A 194 14.32 9.48 -0.25
CA ASN A 194 14.95 8.66 -1.27
C ASN A 194 13.86 8.00 -2.09
N PHE A 195 12.74 8.69 -2.22
CA PHE A 195 11.60 8.19 -2.96
C PHE A 195 10.91 9.38 -3.62
N ASP A 196 10.12 9.08 -4.64
CA ASP A 196 9.51 10.10 -5.48
C ASP A 196 8.06 10.36 -5.09
N PHE A 197 7.82 10.62 -3.80
CA PHE A 197 6.54 11.16 -3.37
C PHE A 197 6.76 12.00 -2.13
N PHE A 198 5.79 12.86 -1.83
CA PHE A 198 5.96 13.82 -0.76
C PHE A 198 5.83 13.14 0.60
N ASN A 199 6.64 13.62 1.55
CA ASN A 199 6.71 13.04 2.90
C ASN A 199 5.54 13.51 3.77
N TYR A 200 4.34 13.16 3.32
CA TYR A 200 3.14 13.48 4.10
C TYR A 200 3.16 12.74 5.43
N CYS A 201 2.91 13.46 6.52
CA CYS A 201 2.97 12.86 7.85
C CYS A 201 1.84 13.38 8.71
N GLY A 202 1.69 12.77 9.88
CA GLY A 202 0.59 13.02 10.79
C GLY A 202 -0.27 11.78 10.97
N ILE A 203 -1.42 11.99 11.62
CA ILE A 203 -2.34 10.88 11.85
C ILE A 203 -3.07 10.56 10.55
N THR A 204 -2.45 9.70 9.74
CA THR A 204 -2.90 9.49 8.37
C THR A 204 -4.28 8.85 8.31
N ARG A 205 -4.56 7.92 9.21
CA ARG A 205 -5.76 7.10 9.13
C ARG A 205 -6.50 7.17 10.47
N PRO A 206 -7.77 6.73 10.50
CA PRO A 206 -8.60 7.01 11.68
C PRO A 206 -8.04 6.46 12.98
N VAL A 207 -8.30 7.18 14.06
CA VAL A 207 -8.01 6.73 15.42
C VAL A 207 -9.35 6.43 16.06
N LYS A 208 -9.60 5.16 16.36
CA LYS A 208 -10.89 4.73 16.90
C LYS A 208 -10.69 4.05 18.24
N ILE A 209 -11.78 3.95 19.00
CA ILE A 209 -11.85 3.21 20.24
C ILE A 209 -12.94 2.15 20.11
N TYR A 210 -12.59 0.90 20.35
CA TYR A 210 -13.58 -0.16 20.38
C TYR A 210 -13.40 -1.02 21.63
N THR A 211 -14.45 -1.76 21.96
CA THR A 211 -14.50 -2.62 23.14
C THR A 211 -14.53 -4.07 22.72
N THR A 212 -14.49 -4.95 23.72
CA THR A 212 -14.68 -6.39 23.54
C THR A 212 -14.53 -7.06 24.91
N PRO A 213 -15.15 -8.22 25.11
CA PRO A 213 -15.08 -8.86 26.43
C PRO A 213 -13.78 -9.59 26.69
N GLU A 214 -13.33 -9.47 27.94
CA GLU A 214 -12.20 -10.27 28.37
C GLU A 214 -12.48 -11.72 28.06
N THR A 215 -11.57 -12.32 27.28
CA THR A 215 -11.79 -13.51 26.45
C THR A 215 -12.58 -13.09 25.20
N TYR A 216 -11.88 -13.00 24.07
CA TYR A 216 -12.38 -12.31 22.89
C TYR A 216 -11.73 -12.90 21.65
N ILE A 217 -12.42 -12.76 20.51
CA ILE A 217 -11.84 -13.17 19.24
C ILE A 217 -10.72 -12.20 18.87
N ASN A 218 -9.50 -12.72 18.77
CA ASN A 218 -8.32 -11.91 18.45
C ASN A 218 -7.92 -11.98 16.99
N ASP A 219 -8.04 -13.15 16.36
CA ASP A 219 -7.62 -13.32 14.98
C ASP A 219 -8.49 -14.38 14.32
N ILE A 220 -8.66 -14.24 13.01
CA ILE A 220 -9.40 -15.18 12.19
C ILE A 220 -8.60 -15.44 10.92
N THR A 221 -8.59 -16.69 10.46
CA THR A 221 -7.90 -17.08 9.24
C THR A 221 -8.80 -18.02 8.46
N VAL A 222 -8.88 -17.82 7.14
CA VAL A 222 -9.71 -18.65 6.28
C VAL A 222 -8.96 -18.93 4.99
N THR A 223 -8.78 -20.21 4.67
CA THR A 223 -8.22 -20.65 3.41
C THR A 223 -9.28 -21.34 2.58
N ALA A 224 -8.97 -21.61 1.31
CA ALA A 224 -9.95 -22.20 0.40
C ALA A 224 -9.27 -23.25 -0.48
N ASP A 225 -9.48 -24.52 -0.14
CA ASP A 225 -9.22 -25.62 -1.06
C ASP A 225 -10.46 -25.80 -1.93
N ILE A 226 -10.32 -25.63 -3.24
CA ILE A 226 -11.49 -25.65 -4.11
C ILE A 226 -11.24 -26.54 -5.32
N ASP A 227 -12.34 -27.08 -5.85
CA ASP A 227 -12.35 -28.21 -6.78
C ASP A 227 -12.92 -27.73 -8.11
N PHE A 228 -12.11 -27.77 -9.16
CA PHE A 228 -12.56 -27.43 -10.51
C PHE A 228 -12.86 -28.65 -11.35
N THR A 229 -12.72 -29.86 -10.79
CA THR A 229 -13.02 -31.08 -11.53
C THR A 229 -14.43 -31.07 -12.08
N LYS A 230 -15.39 -30.71 -11.24
CA LYS A 230 -16.80 -30.80 -11.55
C LYS A 230 -17.28 -29.60 -12.36
N GLU A 231 -18.36 -29.82 -13.13
CA GLU A 231 -19.00 -28.74 -13.86
C GLU A 231 -19.64 -27.74 -12.93
N GLU A 232 -19.86 -28.15 -11.69
CA GLU A 232 -20.38 -27.27 -10.66
C GLU A 232 -19.32 -27.24 -9.55
N PRO A 233 -18.36 -26.29 -9.64
CA PRO A 233 -17.28 -26.18 -8.63
C PRO A 233 -17.73 -26.12 -7.18
N SER A 234 -17.22 -27.04 -6.37
CA SER A 234 -17.39 -27.03 -4.93
C SER A 234 -16.14 -26.48 -4.25
N ALA A 235 -16.29 -26.10 -2.99
CA ALA A 235 -15.18 -25.49 -2.26
C ALA A 235 -15.24 -25.94 -0.81
N VAL A 236 -14.06 -26.21 -0.24
CA VAL A 236 -13.92 -26.52 1.16
C VAL A 236 -13.13 -25.39 1.81
N LEU A 237 -13.65 -24.84 2.90
CA LEU A 237 -13.07 -23.68 3.56
C LEU A 237 -12.55 -24.09 4.93
N ASN A 238 -11.23 -24.16 5.08
CA ASN A 238 -10.63 -24.35 6.38
C ASN A 238 -10.53 -23.00 7.09
N TYR A 239 -10.62 -23.03 8.42
CA TYR A 239 -10.48 -21.80 9.19
C TYR A 239 -9.88 -22.10 10.56
N ASN A 240 -9.25 -21.08 11.14
CA ASN A 240 -8.74 -21.08 12.50
C ASN A 240 -9.19 -19.79 13.17
N VAL A 241 -9.59 -19.89 14.44
CA VAL A 241 -10.04 -18.72 15.20
C VAL A 241 -9.22 -18.69 16.49
N GLU A 242 -8.05 -18.05 16.43
CA GLU A 242 -7.26 -17.81 17.63
C GLU A 242 -8.06 -16.95 18.62
N ILE A 243 -7.94 -17.28 19.91
CA ILE A 243 -8.67 -16.58 20.96
C ILE A 243 -7.72 -16.35 22.14
N LYS A 244 -7.96 -15.26 22.87
CA LYS A 244 -7.12 -14.92 24.02
C LYS A 244 -7.98 -14.53 25.23
N LYS A 254 -19.24 -21.26 18.08
CA LYS A 254 -20.11 -21.33 16.91
C LYS A 254 -19.54 -20.49 15.77
N VAL A 255 -19.68 -20.99 14.55
CA VAL A 255 -19.14 -20.32 13.36
C VAL A 255 -20.17 -20.44 12.24
N GLU A 256 -20.81 -19.33 11.90
CA GLU A 256 -21.91 -19.33 10.94
C GLU A 256 -21.48 -18.72 9.61
N LEU A 257 -22.03 -19.27 8.53
CA LEU A 257 -21.81 -18.84 7.16
C LEU A 257 -23.12 -18.27 6.62
N PHE A 258 -23.04 -17.38 5.62
CA PHE A 258 -24.22 -16.57 5.33
C PHE A 258 -24.52 -16.21 3.88
N ASP A 259 -23.57 -16.25 2.94
CA ASP A 259 -23.80 -15.77 1.57
C ASP A 259 -24.14 -14.28 1.53
N GLU A 260 -24.23 -13.71 0.33
CA GLU A 260 -24.46 -12.28 0.13
C GLU A 260 -25.64 -11.74 0.93
N GLU A 261 -26.86 -12.14 0.56
CA GLU A 261 -28.06 -11.58 1.18
C GLU A 261 -28.09 -11.84 2.67
N GLY A 262 -27.65 -13.01 3.11
CA GLY A 262 -27.70 -13.35 4.52
C GLY A 262 -28.45 -14.63 4.78
N THR A 263 -28.88 -15.29 3.71
CA THR A 263 -29.45 -16.63 3.80
C THR A 263 -28.41 -17.59 4.35
N LYS A 264 -28.60 -18.08 5.57
CA LYS A 264 -27.62 -18.96 6.19
C LYS A 264 -27.61 -20.34 5.53
N LEU A 265 -26.43 -20.98 5.48
CA LEU A 265 -26.30 -22.27 4.82
C LEU A 265 -25.44 -23.31 5.53
N SER A 266 -24.79 -22.99 6.65
CA SER A 266 -23.92 -23.97 7.28
C SER A 266 -23.58 -23.51 8.70
N GLU A 267 -22.98 -24.43 9.47
CA GLU A 267 -22.62 -24.17 10.86
C GLU A 267 -21.61 -25.21 11.32
N THR A 268 -20.75 -24.81 12.25
CA THR A 268 -19.72 -25.67 12.82
C THR A 268 -19.33 -25.13 14.19
N GLU A 269 -18.75 -25.99 15.02
CA GLU A 269 -18.36 -25.64 16.38
C GLU A 269 -16.85 -25.73 16.55
N GLY A 270 -16.32 -24.89 17.44
CA GLY A 270 -14.93 -24.94 17.86
C GLY A 270 -14.04 -23.99 17.08
N SER A 271 -12.82 -23.79 17.62
CA SER A 271 -11.77 -23.12 16.86
C SER A 271 -11.38 -23.94 15.64
N GLU A 272 -11.34 -25.27 15.80
CA GLU A 272 -11.57 -26.27 14.75
C GLU A 272 -12.54 -25.77 13.69
N GLY A 273 -12.45 -26.30 12.47
CA GLY A 273 -13.46 -25.92 11.52
C GLY A 273 -13.24 -26.20 10.05
N THR A 274 -14.36 -26.28 9.33
CA THR A 274 -14.39 -26.59 7.91
C THR A 274 -15.81 -26.31 7.42
N PHE A 275 -15.92 -25.94 6.14
CA PHE A 275 -17.20 -25.79 5.47
C PHE A 275 -17.15 -26.52 4.14
N GLU A 276 -18.29 -27.09 3.75
CA GLU A 276 -18.43 -27.73 2.45
C GLU A 276 -19.60 -27.06 1.72
N ILE A 277 -19.27 -26.22 0.75
CA ILE A 277 -20.25 -25.57 -0.09
C ILE A 277 -20.13 -26.15 -1.49
N SER A 278 -21.27 -26.34 -2.14
CA SER A 278 -21.32 -26.65 -3.55
C SER A 278 -22.16 -25.59 -4.22
N ASN A 279 -21.90 -25.36 -5.52
CA ASN A 279 -22.44 -24.23 -6.28
C ASN A 279 -21.83 -22.91 -5.80
N VAL A 280 -20.56 -22.97 -5.41
CA VAL A 280 -19.76 -21.80 -5.06
C VAL A 280 -19.93 -20.74 -6.14
N ARG A 281 -20.12 -19.49 -5.72
CA ARG A 281 -20.02 -18.36 -6.63
C ARG A 281 -18.60 -17.83 -6.48
N LEU A 282 -17.77 -18.08 -7.48
CA LEU A 282 -16.37 -17.74 -7.38
C LEU A 282 -16.18 -16.23 -7.44
N TRP A 283 -15.48 -15.68 -6.45
CA TRP A 283 -15.03 -14.30 -6.53
C TRP A 283 -14.19 -14.12 -7.78
N GLN A 284 -14.65 -13.27 -8.69
CA GLN A 284 -13.97 -13.05 -9.96
C GLN A 284 -13.51 -11.60 -10.06
N PRO A 285 -12.52 -11.32 -10.92
CA PRO A 285 -12.19 -9.92 -11.22
C PRO A 285 -13.34 -9.23 -11.94
N LEU A 286 -13.74 -8.06 -11.43
CA LEU A 286 -14.86 -7.28 -11.95
C LEU A 286 -16.18 -8.04 -11.85
N ASN A 287 -16.27 -9.01 -10.95
CA ASN A 287 -17.48 -9.78 -10.73
C ASN A 287 -17.42 -10.43 -9.35
N ALA A 288 -17.36 -9.59 -8.31
CA ALA A 288 -17.06 -10.04 -6.96
C ALA A 288 -18.26 -10.76 -6.34
N TYR A 289 -17.96 -11.54 -5.30
CA TYR A 289 -18.96 -12.14 -4.43
C TYR A 289 -18.32 -12.35 -3.07
N LEU A 290 -19.01 -11.95 -2.01
CA LEU A 290 -18.49 -12.08 -0.66
C LEU A 290 -19.50 -12.85 0.18
N TYR A 291 -19.18 -14.09 0.50
CA TYR A 291 -19.89 -14.77 1.57
C TYR A 291 -19.61 -14.06 2.89
N LYS A 292 -20.54 -14.19 3.82
CA LYS A 292 -20.34 -13.66 5.15
C LYS A 292 -20.01 -14.80 6.11
N ILE A 293 -19.27 -14.48 7.17
CA ILE A 293 -18.83 -15.48 8.12
C ILE A 293 -19.02 -14.93 9.52
N LYS A 294 -19.97 -15.49 10.26
CA LYS A 294 -20.31 -15.06 11.61
C LYS A 294 -19.66 -16.03 12.59
N VAL A 295 -18.79 -15.52 13.43
CA VAL A 295 -18.09 -16.33 14.42
C VAL A 295 -18.51 -15.83 15.79
N THR A 296 -19.45 -16.54 16.39
CA THR A 296 -19.81 -16.32 17.79
C THR A 296 -18.95 -17.19 18.68
N ALA A 297 -18.35 -16.60 19.70
CA ALA A 297 -17.43 -17.31 20.59
C ALA A 297 -17.72 -16.88 22.02
N GLY A 298 -18.81 -17.41 22.59
CA GLY A 298 -19.21 -17.04 23.93
C GLY A 298 -19.66 -15.61 24.02
N GLN A 299 -18.96 -14.81 24.83
CA GLN A 299 -19.35 -13.43 25.07
C GLN A 299 -18.99 -12.50 23.92
N ASP A 300 -18.33 -13.01 22.87
CA ASP A 300 -17.83 -12.16 21.80
C ASP A 300 -18.26 -12.70 20.44
N VAL A 301 -18.22 -11.82 19.44
CA VAL A 301 -18.67 -12.19 18.10
C VAL A 301 -18.10 -11.19 17.10
N TYR A 302 -17.79 -11.68 15.90
CA TYR A 302 -17.22 -10.85 14.84
C TYR A 302 -17.63 -11.44 13.49
N THR A 303 -17.91 -10.57 12.53
CA THR A 303 -18.31 -10.98 11.19
C THR A 303 -17.23 -10.57 10.19
N LEU A 304 -16.92 -11.48 9.27
CA LEU A 304 -15.84 -11.28 8.30
C LEU A 304 -16.35 -11.61 6.91
N PRO A 305 -16.29 -10.68 5.96
CA PRO A 305 -16.60 -11.03 4.57
C PRO A 305 -15.43 -11.76 3.94
N TYR A 306 -15.76 -12.80 3.17
CA TYR A 306 -14.74 -13.63 2.55
C TYR A 306 -15.18 -13.98 1.13
N GLY A 307 -14.22 -13.93 0.20
CA GLY A 307 -14.46 -14.32 -1.18
C GLY A 307 -13.65 -15.55 -1.53
N VAL A 308 -14.31 -16.49 -2.20
CA VAL A 308 -13.68 -17.75 -2.58
C VAL A 308 -13.04 -17.58 -3.94
N ARG A 309 -11.72 -17.74 -4.00
CA ARG A 309 -10.93 -17.45 -5.20
C ARG A 309 -9.64 -18.26 -5.11
N SER A 310 -9.17 -18.71 -6.27
CA SER A 310 -7.90 -19.43 -6.36
C SER A 310 -6.92 -18.65 -7.22
N VAL A 311 -5.64 -18.72 -6.87
CA VAL A 311 -4.59 -18.06 -7.66
C VAL A 311 -3.32 -18.89 -7.55
N ARG A 312 -2.69 -19.17 -8.70
CA ARG A 312 -1.43 -19.88 -8.73
C ARG A 312 -0.72 -19.59 -10.04
N VAL A 313 0.61 -19.64 -10.00
CA VAL A 313 1.45 -19.44 -11.18
C VAL A 313 1.63 -20.77 -11.90
N ASP A 314 1.81 -20.70 -13.23
CA ASP A 314 1.96 -21.90 -14.04
C ASP A 314 2.81 -21.52 -15.27
N GLY A 315 4.13 -21.52 -15.09
CA GLY A 315 5.03 -21.14 -16.16
C GLY A 315 4.84 -19.71 -16.61
N THR A 316 4.29 -19.54 -17.81
CA THR A 316 3.97 -18.21 -18.31
C THR A 316 2.70 -17.65 -17.66
N LYS A 317 1.69 -18.49 -17.50
CA LYS A 317 0.35 -18.03 -17.18
C LYS A 317 0.21 -17.65 -15.72
N PHE A 318 -0.45 -16.52 -15.47
CA PHE A 318 -0.88 -16.12 -14.13
C PHE A 318 -2.35 -16.49 -14.00
N LEU A 319 -2.64 -17.52 -13.22
CA LEU A 319 -3.98 -18.10 -13.16
C LEU A 319 -4.70 -17.59 -11.91
N ILE A 320 -5.90 -17.04 -12.12
CA ILE A 320 -6.85 -16.76 -11.05
C ILE A 320 -8.09 -17.58 -11.35
N ASN A 321 -8.47 -18.44 -10.39
CA ASN A 321 -9.52 -19.44 -10.58
C ASN A 321 -9.23 -20.30 -11.81
N GLU A 322 -7.96 -20.71 -11.95
CA GLU A 322 -7.51 -21.63 -13.00
C GLU A 322 -7.80 -21.09 -14.40
N LYS A 323 -7.71 -19.78 -14.56
CA LYS A 323 -7.90 -19.14 -15.85
C LYS A 323 -6.78 -18.12 -16.08
N PRO A 324 -6.32 -17.96 -17.32
CA PRO A 324 -5.16 -17.09 -17.58
C PRO A 324 -5.46 -15.59 -17.51
N PHE A 325 -5.08 -14.96 -16.40
CA PHE A 325 -5.41 -13.56 -16.15
C PHE A 325 -4.47 -12.62 -16.92
N TYR A 326 -4.91 -11.36 -17.05
CA TYR A 326 -4.09 -10.30 -17.61
C TYR A 326 -4.39 -9.01 -16.87
N PHE A 327 -3.37 -8.46 -16.19
CA PHE A 327 -3.57 -7.25 -15.40
C PHE A 327 -3.79 -6.04 -16.29
N LYS A 328 -4.79 -5.22 -15.91
CA LYS A 328 -5.08 -3.95 -16.57
C LYS A 328 -5.30 -2.92 -15.47
N GLY A 329 -4.42 -1.92 -15.42
CA GLY A 329 -4.53 -0.92 -14.37
C GLY A 329 -3.33 0.00 -14.21
N TYR A 330 -2.97 0.28 -12.96
CA TYR A 330 -2.04 1.34 -12.67
C TYR A 330 -1.35 1.08 -11.34
N GLY A 331 -0.27 1.81 -11.11
CA GLY A 331 0.22 2.05 -9.77
C GLY A 331 -0.44 3.31 -9.25
N LYS A 332 -1.00 3.23 -8.05
CA LYS A 332 -1.72 4.34 -7.46
C LYS A 332 -0.90 4.97 -6.34
N HIS A 333 -1.43 6.06 -5.82
CA HIS A 333 -0.97 6.63 -4.57
C HIS A 333 -2.20 6.97 -3.75
N GLU A 334 -2.09 6.81 -2.43
CA GLU A 334 -3.06 7.45 -1.54
C GLU A 334 -2.64 8.92 -1.49
N ASP A 335 -3.19 9.69 -2.43
CA ASP A 335 -2.78 11.08 -2.62
C ASP A 335 -3.97 11.89 -3.11
N THR A 336 -4.45 12.82 -2.29
CA THR A 336 -5.54 13.72 -2.65
C THR A 336 -5.27 15.08 -2.03
N PHE A 337 -6.01 16.09 -2.53
CA PHE A 337 -5.93 17.44 -1.97
C PHE A 337 -7.17 17.75 -1.13
N PRO A 338 -7.00 18.33 0.07
CA PRO A 338 -5.71 18.64 0.69
C PRO A 338 -5.31 17.59 1.72
N ASN A 339 -5.96 16.44 1.70
CA ASN A 339 -5.73 15.42 2.72
C ASN A 339 -4.29 14.92 2.74
N GLY A 340 -3.53 15.18 1.69
CA GLY A 340 -2.21 14.57 1.56
C GLY A 340 -2.33 13.07 1.40
N ARG A 341 -1.71 12.32 2.30
CA ARG A 341 -1.89 10.87 2.32
C ARG A 341 -3.06 10.44 3.17
N GLY A 342 -3.75 11.39 3.81
CA GLY A 342 -4.86 11.04 4.68
C GLY A 342 -5.95 10.29 3.93
N ILE A 343 -6.62 9.41 4.66
CA ILE A 343 -7.63 8.54 4.07
C ILE A 343 -8.76 9.38 3.50
N ASN A 344 -9.27 8.96 2.33
CA ASN A 344 -10.30 9.69 1.60
C ASN A 344 -11.24 8.67 0.95
N LEU A 345 -12.22 8.21 1.73
CA LEU A 345 -13.17 7.22 1.21
C LEU A 345 -14.03 7.74 0.07
N PRO A 346 -14.47 9.01 0.03
CA PRO A 346 -15.13 9.49 -1.18
C PRO A 346 -14.29 9.33 -2.43
N MET A 347 -13.00 9.67 -2.37
CA MET A 347 -12.15 9.51 -3.55
C MET A 347 -11.92 8.03 -3.86
N ASN A 348 -11.77 7.19 -2.83
CA ASN A 348 -11.58 5.77 -3.07
C ASN A 348 -12.72 5.20 -3.89
N THR A 349 -13.96 5.56 -3.53
CA THR A 349 -15.10 5.09 -4.33
C THR A 349 -15.06 5.71 -5.73
N LYS A 350 -14.69 6.98 -5.82
CA LYS A 350 -14.61 7.63 -7.13
C LYS A 350 -13.53 6.99 -7.99
N ASP A 351 -12.39 6.63 -7.39
CA ASP A 351 -11.33 5.96 -8.14
C ASP A 351 -11.82 4.63 -8.70
N ILE A 352 -12.52 3.82 -7.89
CA ILE A 352 -13.10 2.57 -8.37
C ILE A 352 -14.05 2.84 -9.54
N SER A 353 -14.93 3.84 -9.39
CA SER A 353 -15.85 4.18 -10.47
C SER A 353 -15.10 4.49 -11.76
N ILE A 354 -14.02 5.26 -11.66
CA ILE A 354 -13.24 5.60 -12.84
C ILE A 354 -12.57 4.36 -13.42
N MET A 355 -12.09 3.47 -12.56
CA MET A 355 -11.46 2.24 -13.05
C MET A 355 -12.46 1.39 -13.82
N LYS A 356 -13.65 1.18 -13.26
CA LYS A 356 -14.66 0.41 -13.96
C LYS A 356 -15.14 1.14 -15.21
N TRP A 357 -15.10 2.47 -15.20
CA TRP A 357 -15.38 3.23 -16.41
C TRP A 357 -14.29 3.04 -17.46
N GLN A 358 -13.04 2.89 -17.03
CA GLN A 358 -11.91 2.76 -17.93
C GLN A 358 -11.65 1.31 -18.32
N HIS A 359 -12.42 0.36 -17.77
CA HIS A 359 -12.26 -1.07 -18.05
C HIS A 359 -10.95 -1.61 -17.51
N ALA A 360 -10.47 -1.08 -16.39
CA ALA A 360 -9.32 -1.63 -15.71
C ALA A 360 -9.77 -2.80 -14.83
N ASN A 361 -8.81 -3.44 -14.15
CA ASN A 361 -9.17 -4.55 -13.27
C ASN A 361 -8.25 -4.65 -12.05
N SER A 362 -7.17 -3.88 -12.02
CA SER A 362 -6.19 -4.09 -10.98
C SER A 362 -5.40 -2.81 -10.71
N PHE A 363 -4.72 -2.79 -9.57
CA PHE A 363 -3.74 -1.76 -9.29
C PHE A 363 -2.81 -2.28 -8.19
N ARG A 364 -1.70 -1.57 -8.01
CA ARG A 364 -0.72 -1.89 -6.97
C ARG A 364 -0.73 -0.81 -5.90
N THR A 365 -0.49 -1.21 -4.65
CA THR A 365 -0.46 -0.28 -3.53
C THR A 365 0.90 0.43 -3.45
N SER A 366 1.24 1.12 -4.52
CA SER A 366 2.46 1.94 -4.54
C SER A 366 2.34 3.09 -3.55
N HIS A 367 3.33 3.24 -2.67
CA HIS A 367 4.43 2.30 -2.44
C HIS A 367 4.40 1.98 -0.94
N TYR A 368 3.27 1.45 -0.49
CA TYR A 368 2.95 1.25 0.92
C TYR A 368 1.58 0.61 1.00
N PRO A 369 1.27 -0.13 2.06
CA PRO A 369 -0.08 -0.68 2.20
C PRO A 369 -1.11 0.44 2.35
N TYR A 370 -2.23 0.30 1.65
CA TYR A 370 -3.27 1.31 1.69
C TYR A 370 -4.17 1.10 2.91
N SER A 371 -5.22 1.90 3.02
CA SER A 371 -6.13 1.81 4.14
C SER A 371 -6.89 0.49 4.11
N GLU A 372 -7.34 0.06 5.29
CA GLU A 372 -8.17 -1.14 5.37
C GLU A 372 -9.47 -0.96 4.58
N GLU A 373 -10.08 0.22 4.68
CA GLU A 373 -11.35 0.48 4.02
C GLU A 373 -11.24 0.33 2.52
N MET A 374 -10.12 0.76 1.94
CA MET A 374 -9.92 0.58 0.50
C MET A 374 -9.74 -0.88 0.15
N MET A 375 -9.07 -1.65 1.01
CA MET A 375 -8.91 -3.08 0.74
C MET A 375 -10.26 -3.80 0.78
N ARG A 376 -11.08 -3.50 1.79
CA ARG A 376 -12.41 -4.10 1.86
C ARG A 376 -13.28 -3.66 0.69
N LEU A 377 -13.13 -2.41 0.26
CA LEU A 377 -13.88 -1.94 -0.90
C LEU A 377 -13.49 -2.69 -2.16
N CYS A 378 -12.20 -3.02 -2.30
CA CYS A 378 -11.77 -3.80 -3.44
C CYS A 378 -12.35 -5.21 -3.41
N ASP A 379 -12.60 -5.74 -2.21
CA ASP A 379 -13.31 -7.01 -2.09
C ASP A 379 -14.74 -6.89 -2.63
N GLU A 380 -15.46 -5.84 -2.23
CA GLU A 380 -16.84 -5.66 -2.66
C GLU A 380 -16.92 -5.40 -4.15
N GLU A 381 -16.05 -4.53 -4.68
CA GLU A 381 -16.15 -4.14 -6.08
C GLU A 381 -15.37 -5.06 -7.00
N GLY A 382 -14.51 -5.92 -6.48
CA GLY A 382 -13.83 -6.92 -7.28
C GLY A 382 -12.64 -6.41 -8.06
N ILE A 383 -11.75 -5.68 -7.42
CA ILE A 383 -10.54 -5.17 -8.05
C ILE A 383 -9.36 -5.99 -7.56
N VAL A 384 -8.54 -6.47 -8.51
CA VAL A 384 -7.33 -7.19 -8.15
C VAL A 384 -6.30 -6.21 -7.60
N VAL A 385 -5.64 -6.59 -6.51
CA VAL A 385 -4.68 -5.72 -5.84
C VAL A 385 -3.35 -6.44 -5.74
N ILE A 386 -2.26 -5.69 -5.91
CA ILE A 386 -0.91 -6.15 -5.64
C ILE A 386 -0.47 -5.41 -4.39
N ASP A 387 -0.59 -6.07 -3.24
CA ASP A 387 -0.28 -5.44 -1.96
C ASP A 387 1.23 -5.33 -1.77
N GLU A 388 1.71 -4.11 -1.50
CA GLU A 388 3.15 -3.86 -1.42
C GLU A 388 3.52 -3.30 -0.05
N THR A 389 4.72 -3.65 0.40
CA THR A 389 5.24 -3.13 1.66
C THR A 389 5.67 -1.68 1.51
N THR A 390 6.20 -1.12 2.60
CA THR A 390 6.73 0.23 2.63
C THR A 390 8.19 0.30 2.19
N ALA A 391 8.68 -0.74 1.51
CA ALA A 391 10.12 -0.86 1.24
C ALA A 391 10.46 -0.18 -0.08
N VAL A 392 10.41 1.14 -0.07
CA VAL A 392 10.86 1.95 -1.20
C VAL A 392 12.05 2.78 -0.74
N GLY A 393 13.00 3.00 -1.64
CA GLY A 393 14.20 3.71 -1.28
C GLY A 393 15.33 2.87 -0.73
N VAL A 394 15.18 1.54 -0.70
CA VAL A 394 16.27 0.65 -0.32
C VAL A 394 17.23 0.52 -1.51
N ASN A 395 17.86 1.63 -1.88
CA ASN A 395 18.67 1.72 -3.08
C ASN A 395 19.51 2.99 -2.99
N LEU A 396 20.76 2.86 -2.57
CA LEU A 396 21.61 4.03 -2.35
C LEU A 396 22.35 4.47 -3.60
N GLN A 397 21.97 4.00 -4.78
CA GLN A 397 22.50 4.54 -6.02
C GLN A 397 21.72 5.77 -6.50
N PHE A 398 20.50 5.96 -6.00
CA PHE A 398 19.74 7.17 -6.28
C PHE A 398 20.46 8.39 -5.73
N GLY A 399 20.11 9.55 -6.27
CA GLY A 399 20.87 10.74 -5.93
C GLY A 399 22.32 10.57 -6.39
N GLY A 400 23.18 11.40 -5.81
CA GLY A 400 24.60 11.25 -6.04
C GLY A 400 25.19 10.00 -5.42
N GLY A 401 24.46 9.38 -4.49
CA GLY A 401 24.96 8.25 -3.75
C GLY A 401 25.81 8.69 -2.56
N ALA A 402 25.50 8.16 -1.38
CA ALA A 402 26.23 8.58 -0.19
C ALA A 402 27.69 8.18 -0.28
N ASN A 403 28.55 8.94 0.38
CA ASN A 403 29.99 8.77 0.33
C ASN A 403 30.54 8.58 1.73
N PHE A 404 31.66 7.87 1.82
CA PHE A 404 32.38 7.75 3.08
C PHE A 404 33.83 8.21 2.91
N GLY A 405 34.78 7.29 2.94
CA GLY A 405 36.15 7.63 2.70
C GLY A 405 36.45 7.83 1.23
N GLY A 406 35.78 8.80 0.61
CA GLY A 406 35.90 9.01 -0.82
C GLY A 406 35.12 7.96 -1.58
N GLU A 407 35.28 6.71 -1.17
CA GLU A 407 34.51 5.58 -1.67
C GLU A 407 33.02 5.88 -1.62
N ARG A 408 32.27 5.36 -2.58
CA ARG A 408 30.81 5.37 -2.50
C ARG A 408 30.36 4.12 -1.77
N ILE A 409 29.33 4.25 -0.95
CA ILE A 409 28.88 3.13 -0.13
C ILE A 409 27.77 2.41 -0.89
N GLY A 410 27.96 1.11 -1.11
CA GLY A 410 26.93 0.29 -1.73
C GLY A 410 25.68 0.25 -0.87
N THR A 411 24.59 -0.16 -1.50
CA THR A 411 23.29 -0.21 -0.82
C THR A 411 23.34 -1.05 0.44
N PHE A 412 23.83 -2.27 0.33
CA PHE A 412 23.77 -3.22 1.44
C PHE A 412 25.08 -3.31 2.20
N ASP A 413 25.91 -2.26 2.13
CA ASP A 413 27.05 -2.13 3.04
C ASP A 413 26.59 -2.34 4.47
N LYS A 414 27.27 -3.25 5.18
CA LYS A 414 26.80 -3.64 6.50
C LYS A 414 27.06 -2.59 7.56
N GLU A 415 28.00 -1.68 7.33
CA GLU A 415 28.31 -0.65 8.31
C GLU A 415 27.73 0.71 7.97
N HIS A 416 27.64 1.06 6.67
CA HIS A 416 27.18 2.37 6.26
C HIS A 416 25.98 2.32 5.32
N GLY A 417 25.44 1.15 5.03
CA GLY A 417 24.31 1.01 4.14
C GLY A 417 22.99 1.05 4.88
N VAL A 418 21.98 0.41 4.29
CA VAL A 418 20.65 0.45 4.88
C VAL A 418 20.62 -0.41 6.15
N GLN A 419 19.81 0.04 7.12
CA GLN A 419 19.67 -0.64 8.40
C GLN A 419 18.23 -1.04 8.60
N THR A 420 17.62 -1.62 7.58
CA THR A 420 16.17 -1.77 7.52
C THR A 420 15.66 -3.19 7.54
N GLN A 421 16.52 -4.21 7.42
CA GLN A 421 15.99 -5.55 7.15
C GLN A 421 15.10 -6.05 8.28
N GLU A 422 15.50 -5.81 9.54
CA GLU A 422 14.69 -6.30 10.64
C GLU A 422 13.34 -5.59 10.72
N HIS A 423 13.35 -4.27 10.61
CA HIS A 423 12.07 -3.56 10.46
C HIS A 423 11.35 -3.99 9.20
N HIS A 424 12.08 -4.32 8.14
CA HIS A 424 11.47 -4.75 6.89
C HIS A 424 10.62 -6.01 7.12
N LYS A 425 11.06 -6.90 8.02
CA LYS A 425 10.34 -8.14 8.28
C LYS A 425 9.08 -7.89 9.10
N ASP A 426 9.16 -7.01 10.08
CA ASP A 426 7.98 -6.61 10.83
C ASP A 426 6.90 -6.06 9.93
N VAL A 427 7.29 -5.37 8.87
CA VAL A 427 6.32 -4.84 7.92
C VAL A 427 5.66 -5.97 7.15
N ILE A 428 6.46 -6.92 6.66
CA ILE A 428 5.89 -8.09 6.00
C ILE A 428 5.02 -8.87 6.97
N ARG A 429 5.41 -8.91 8.25
CA ARG A 429 4.61 -9.60 9.26
C ARG A 429 3.28 -8.91 9.46
N ASP A 430 3.31 -7.62 9.81
CA ASP A 430 2.08 -6.88 10.10
C ASP A 430 1.17 -6.79 8.88
N LEU A 431 1.74 -6.68 7.68
CA LEU A 431 0.93 -6.53 6.48
C LEU A 431 0.13 -7.79 6.19
N ILE A 432 0.81 -8.93 6.05
CA ILE A 432 0.13 -10.19 5.75
C ILE A 432 -0.85 -10.54 6.87
N SER A 433 -0.48 -10.24 8.12
CA SER A 433 -1.38 -10.49 9.24
C SER A 433 -2.65 -9.67 9.15
N ARG A 434 -2.65 -8.58 8.40
CA ARG A 434 -3.81 -7.72 8.26
C ARG A 434 -4.66 -8.05 7.04
N ASP A 435 -4.04 -8.36 5.91
CA ASP A 435 -4.75 -8.58 4.65
C ASP A 435 -4.67 -10.03 4.20
N LYS A 436 -4.52 -10.97 5.14
CA LYS A 436 -4.41 -12.38 4.78
C LYS A 436 -5.71 -12.90 4.15
N ASN A 437 -6.85 -12.31 4.51
CA ASN A 437 -8.14 -12.85 4.13
C ASN A 437 -8.73 -12.19 2.89
N HIS A 438 -8.18 -11.07 2.44
CA HIS A 438 -8.77 -10.32 1.34
C HIS A 438 -8.68 -11.13 0.04
N ALA A 439 -9.83 -11.35 -0.59
CA ALA A 439 -9.84 -12.03 -1.88
C ALA A 439 -9.18 -11.18 -2.97
N CYS A 440 -9.23 -9.87 -2.82
CA CYS A 440 -8.65 -8.98 -3.84
C CYS A 440 -7.14 -9.10 -3.86
N VAL A 441 -6.51 -9.26 -2.70
CA VAL A 441 -5.05 -9.39 -2.63
C VAL A 441 -4.63 -10.64 -3.37
N VAL A 442 -3.85 -10.47 -4.42
CA VAL A 442 -3.49 -11.56 -5.30
C VAL A 442 -1.99 -11.86 -5.31
N MET A 443 -1.15 -10.91 -4.90
CA MET A 443 0.30 -11.07 -4.93
C MET A 443 0.93 -10.06 -3.99
N TRP A 444 2.05 -10.44 -3.39
CA TRP A 444 2.79 -9.57 -2.49
C TRP A 444 4.01 -8.99 -3.19
N SER A 445 4.32 -7.73 -2.90
CA SER A 445 5.47 -7.05 -3.45
C SER A 445 6.39 -6.67 -2.29
N ILE A 446 7.58 -7.28 -2.26
CA ILE A 446 8.46 -7.13 -1.11
C ILE A 446 9.06 -5.73 -1.05
N ALA A 447 9.36 -5.14 -2.21
CA ALA A 447 9.98 -3.83 -2.26
C ALA A 447 9.77 -3.21 -3.62
N ASN A 448 9.83 -1.88 -3.67
CA ASN A 448 9.75 -1.13 -4.92
C ASN A 448 11.13 -0.58 -5.26
N GLU A 449 11.63 -0.97 -6.44
CA GLU A 449 12.92 -0.52 -6.94
C GLU A 449 14.08 -0.57 -5.94
N PRO A 450 14.33 -1.71 -5.31
CA PRO A 450 15.55 -1.84 -4.51
C PRO A 450 16.75 -2.13 -5.42
N ASP A 451 17.94 -1.92 -4.85
CA ASP A 451 19.17 -2.18 -5.59
C ASP A 451 19.36 -3.69 -5.75
N SER A 452 18.44 -4.33 -6.48
CA SER A 452 18.31 -5.78 -6.49
C SER A 452 19.37 -6.47 -7.33
N ALA A 453 20.25 -5.73 -7.99
CA ALA A 453 21.33 -6.30 -8.78
C ALA A 453 22.70 -6.01 -8.18
N ALA A 454 22.75 -5.67 -6.90
CA ALA A 454 23.98 -5.26 -6.24
C ALA A 454 24.47 -6.31 -5.25
N GLU A 455 25.72 -6.16 -4.82
CA GLU A 455 26.27 -7.00 -3.79
C GLU A 455 25.44 -6.90 -2.52
N GLY A 456 25.06 -8.06 -1.98
CA GLY A 456 24.27 -8.10 -0.77
C GLY A 456 22.78 -8.18 -0.99
N ALA A 457 22.32 -8.04 -2.22
CA ALA A 457 20.89 -7.99 -2.48
C ALA A 457 20.22 -9.33 -2.16
N TYR A 458 20.80 -10.43 -2.66
CA TYR A 458 20.20 -11.75 -2.43
C TYR A 458 20.10 -12.07 -0.95
N ASP A 459 21.19 -11.89 -0.21
CA ASP A 459 21.16 -12.19 1.22
C ASP A 459 20.20 -11.28 1.97
N TYR A 460 19.89 -10.11 1.41
CA TYR A 460 18.93 -9.21 2.04
C TYR A 460 17.49 -9.67 1.81
N PHE A 461 17.17 -10.12 0.60
CA PHE A 461 15.79 -10.44 0.26
C PHE A 461 15.41 -11.89 0.48
N LYS A 462 16.39 -12.81 0.48
CA LYS A 462 16.08 -14.22 0.71
C LYS A 462 15.31 -14.45 2.00
N PRO A 463 15.74 -13.95 3.17
CA PRO A 463 14.91 -14.13 4.37
C PRO A 463 13.56 -13.44 4.29
N LEU A 464 13.43 -12.38 3.48
CA LEU A 464 12.16 -11.68 3.35
C LEU A 464 11.16 -12.47 2.53
N TYR A 465 11.58 -12.96 1.37
CA TYR A 465 10.71 -13.83 0.58
C TYR A 465 10.30 -15.07 1.38
N ASP A 466 11.23 -15.64 2.13
CA ASP A 466 10.91 -16.83 2.92
C ASP A 466 9.84 -16.51 3.96
N LEU A 467 10.04 -15.42 4.71
CA LEU A 467 9.00 -14.99 5.65
C LEU A 467 7.69 -14.69 4.93
N ALA A 468 7.74 -14.14 3.71
CA ALA A 468 6.50 -13.85 2.99
C ALA A 468 5.73 -15.14 2.69
N ARG A 469 6.42 -16.18 2.22
CA ARG A 469 5.73 -17.43 1.89
C ARG A 469 5.36 -18.25 3.11
N GLU A 470 6.12 -18.12 4.21
CA GLU A 470 5.85 -18.90 5.40
C GLU A 470 4.55 -18.44 6.08
N LEU A 471 4.30 -17.12 6.13
CA LEU A 471 3.19 -16.56 6.89
C LEU A 471 1.91 -16.38 6.10
N ASP A 472 1.97 -16.34 4.77
CA ASP A 472 0.74 -16.22 4.00
C ASP A 472 0.05 -17.58 3.95
N PRO A 473 -1.07 -17.75 4.64
CA PRO A 473 -1.73 -19.06 4.65
C PRO A 473 -2.18 -19.52 3.28
N GLN A 474 -2.39 -18.60 2.34
CA GLN A 474 -2.81 -18.97 0.99
C GLN A 474 -1.63 -19.20 0.05
N LYS A 475 -0.41 -18.93 0.49
CA LYS A 475 0.80 -19.13 -0.31
C LYS A 475 0.66 -18.47 -1.69
N ARG A 476 0.36 -17.18 -1.68
CA ARG A 476 0.19 -16.44 -2.92
C ARG A 476 1.54 -15.97 -3.45
N PRO A 477 1.60 -15.65 -4.75
CA PRO A 477 2.88 -15.24 -5.35
C PRO A 477 3.52 -14.07 -4.63
N CYS A 478 4.85 -14.00 -4.75
CA CYS A 478 5.63 -12.91 -4.20
C CYS A 478 6.53 -12.35 -5.29
N THR A 479 6.82 -11.06 -5.20
CA THR A 479 7.63 -10.40 -6.22
C THR A 479 8.35 -9.21 -5.60
N LEU A 480 9.18 -8.58 -6.42
CA LEU A 480 9.71 -7.25 -6.16
C LEU A 480 9.72 -6.49 -7.47
N VAL A 481 9.49 -5.18 -7.38
CA VAL A 481 9.39 -4.34 -8.56
C VAL A 481 10.79 -3.84 -8.91
N SER A 482 11.24 -4.15 -10.12
CA SER A 482 12.64 -3.99 -10.48
C SER A 482 12.92 -2.63 -11.11
N VAL A 483 13.89 -1.91 -10.53
CA VAL A 483 14.34 -0.64 -11.08
C VAL A 483 14.87 -0.83 -12.51
N GLN A 484 14.92 0.28 -13.25
CA GLN A 484 15.52 0.25 -14.58
C GLN A 484 17.03 0.02 -14.48
N GLY A 485 17.60 -0.61 -15.50
CA GLY A 485 18.96 -1.05 -15.50
C GLY A 485 19.12 -2.51 -15.13
N THR A 486 18.12 -3.08 -14.48
CA THR A 486 18.10 -4.48 -14.13
C THR A 486 17.93 -5.36 -15.37
N THR A 487 18.62 -6.51 -15.39
CA THR A 487 18.46 -7.51 -16.43
C THR A 487 18.06 -8.84 -15.81
N ALA A 488 17.70 -9.78 -16.69
CA ALA A 488 17.32 -11.11 -16.22
C ALA A 488 18.48 -11.80 -15.52
N ASP A 489 19.70 -11.63 -16.03
CA ASP A 489 20.86 -12.29 -15.45
C ASP A 489 21.31 -11.65 -14.14
N THR A 490 21.06 -10.36 -13.96
CA THR A 490 21.60 -9.64 -12.80
C THR A 490 20.61 -9.47 -11.66
N ASP A 491 19.32 -9.65 -11.90
CA ASP A 491 18.32 -9.36 -10.88
C ASP A 491 18.20 -10.52 -9.91
N CYS A 492 18.31 -10.21 -8.62
CA CYS A 492 17.99 -11.21 -7.61
C CYS A 492 16.50 -11.56 -7.63
N SER A 493 15.68 -10.75 -8.30
CA SER A 493 14.28 -11.10 -8.48
C SER A 493 14.09 -12.24 -9.47
N SER A 494 15.05 -12.41 -10.39
CA SER A 494 14.94 -13.49 -11.37
C SER A 494 14.81 -14.84 -10.69
N GLN A 495 15.38 -15.00 -9.50
CA GLN A 495 15.33 -16.23 -8.73
C GLN A 495 14.24 -16.21 -7.67
N LEU A 496 14.22 -15.17 -6.82
CA LEU A 496 13.37 -15.19 -5.64
C LEU A 496 11.89 -15.01 -5.98
N SER A 497 11.56 -14.37 -7.10
CA SER A 497 10.20 -13.93 -7.37
C SER A 497 9.45 -14.92 -8.25
N ASP A 498 8.17 -15.15 -7.94
CA ASP A 498 7.31 -15.95 -8.79
C ASP A 498 6.88 -15.19 -10.04
N VAL A 499 6.81 -13.86 -9.96
CA VAL A 499 6.42 -13.00 -11.08
C VAL A 499 7.47 -11.90 -11.21
N ILE A 500 7.79 -11.54 -12.45
CA ILE A 500 8.73 -10.46 -12.73
C ILE A 500 7.93 -9.19 -12.98
N CYS A 501 8.18 -8.17 -12.16
CA CYS A 501 7.51 -6.88 -12.24
C CYS A 501 8.54 -5.80 -12.58
N LEU A 502 8.37 -5.17 -13.73
CA LEU A 502 9.33 -4.22 -14.27
C LEU A 502 8.80 -2.79 -14.22
N ASN A 503 9.70 -1.84 -13.92
CA ASN A 503 9.46 -0.41 -14.01
C ASN A 503 10.38 0.11 -15.10
N ARG A 504 9.87 0.22 -16.32
CA ARG A 504 10.66 0.61 -17.47
C ARG A 504 10.11 1.88 -18.10
N TYR A 505 11.01 2.77 -18.50
CA TYR A 505 10.64 4.07 -19.05
C TYR A 505 11.32 4.30 -20.40
N TYR A 506 11.25 3.29 -21.27
CA TYR A 506 11.73 3.44 -22.64
C TYR A 506 10.84 4.43 -23.37
N GLY A 507 11.42 5.55 -23.80
CA GLY A 507 10.66 6.62 -24.40
C GLY A 507 10.41 7.81 -23.50
N TRP A 508 10.87 7.76 -22.26
CA TRP A 508 10.82 8.91 -21.38
C TRP A 508 12.24 9.15 -20.86
N TYR A 509 12.56 8.72 -19.63
CA TYR A 509 13.90 8.91 -19.09
C TYR A 509 14.97 8.31 -20.02
N PHE A 510 14.65 7.22 -20.70
CA PHE A 510 15.59 6.48 -21.53
C PHE A 510 15.05 6.45 -22.95
N GLY A 511 15.56 7.36 -23.79
CA GLY A 511 15.28 7.38 -25.20
C GLY A 511 14.50 8.59 -25.66
N GLY A 512 13.70 9.18 -24.79
CA GLY A 512 12.89 10.32 -25.13
C GLY A 512 13.73 11.47 -25.67
N PRO A 513 13.30 12.09 -26.77
CA PRO A 513 11.99 11.88 -27.41
C PRO A 513 11.96 10.94 -28.62
N ASP A 514 12.99 10.12 -28.87
CA ASP A 514 12.97 9.21 -30.03
C ASP A 514 12.29 7.91 -29.59
N LEU A 515 11.01 7.78 -29.97
CA LEU A 515 10.25 6.58 -29.61
C LEU A 515 10.66 5.37 -30.44
N GLU A 516 11.29 5.57 -31.59
CA GLU A 516 11.71 4.44 -32.42
C GLU A 516 12.91 3.72 -31.80
N VAL A 517 13.96 4.49 -31.47
CA VAL A 517 15.11 3.89 -30.80
C VAL A 517 14.70 3.30 -29.46
N SER A 518 13.78 3.96 -28.76
CA SER A 518 13.31 3.44 -27.48
C SER A 518 12.58 2.12 -27.67
N GLU A 519 11.82 1.99 -28.78
CA GLU A 519 11.12 0.74 -29.05
C GLU A 519 12.10 -0.41 -29.20
N ILE A 520 13.20 -0.18 -29.93
CA ILE A 520 14.21 -1.22 -30.12
C ILE A 520 14.77 -1.68 -28.78
N GLY A 521 15.13 -0.72 -27.93
CA GLY A 521 15.67 -1.09 -26.62
C GLY A 521 14.67 -1.86 -25.77
N LEU A 522 13.40 -1.48 -25.83
CA LEU A 522 12.39 -2.17 -25.03
C LEU A 522 12.19 -3.60 -25.50
N ARG A 523 12.14 -3.80 -26.82
CA ARG A 523 12.02 -5.15 -27.36
C ARG A 523 13.23 -5.99 -26.99
N LYS A 524 14.42 -5.40 -27.03
CA LYS A 524 15.64 -6.16 -26.74
C LYS A 524 15.66 -6.65 -25.30
N GLU A 525 15.39 -5.76 -24.34
CA GLU A 525 15.39 -6.18 -22.94
C GLU A 525 14.24 -7.15 -22.65
N LEU A 526 13.06 -6.88 -23.21
CA LEU A 526 11.90 -7.72 -22.92
C LEU A 526 12.09 -9.14 -23.45
N SER A 527 12.67 -9.27 -24.65
CA SER A 527 13.02 -10.60 -25.16
C SER A 527 13.89 -11.35 -24.17
N ASP A 528 14.93 -10.69 -23.66
CA ASP A 528 15.83 -11.34 -22.72
C ASP A 528 15.11 -11.79 -21.46
N TRP A 529 14.03 -11.10 -21.08
CA TRP A 529 13.30 -11.50 -19.87
C TRP A 529 12.50 -12.77 -20.11
N GLY A 530 12.12 -13.06 -21.36
CA GLY A 530 11.44 -14.31 -21.65
C GLY A 530 12.28 -15.54 -21.39
N LYS A 531 13.60 -15.38 -21.21
CA LYS A 531 14.48 -16.49 -20.89
C LYS A 531 14.03 -17.27 -19.65
N LEU A 532 13.37 -16.61 -18.71
CA LEU A 532 13.10 -17.25 -17.42
C LEU A 532 11.89 -18.17 -17.45
N GLY A 533 11.08 -18.14 -18.50
CA GLY A 533 9.83 -18.86 -18.51
C GLY A 533 8.88 -18.47 -17.40
N LYS A 534 9.04 -17.29 -16.83
CA LYS A 534 8.19 -16.77 -15.77
C LYS A 534 7.27 -15.69 -16.30
N PRO A 535 6.17 -15.39 -15.61
CA PRO A 535 5.30 -14.28 -16.07
C PRO A 535 5.98 -12.95 -15.84
N VAL A 536 5.81 -12.05 -16.81
CA VAL A 536 6.34 -10.69 -16.74
C VAL A 536 5.17 -9.72 -16.80
N MET A 537 5.25 -8.66 -15.99
CA MET A 537 4.28 -7.57 -16.07
C MET A 537 4.99 -6.26 -15.78
N PHE A 538 4.57 -5.21 -16.47
CA PHE A 538 5.11 -3.88 -16.22
C PHE A 538 4.23 -3.20 -15.18
N THR A 539 4.77 -3.00 -13.98
CA THR A 539 4.02 -2.34 -12.92
C THR A 539 4.07 -0.82 -13.03
N GLU A 540 5.02 -0.27 -13.79
CA GLU A 540 5.12 1.17 -13.98
C GLU A 540 5.71 1.48 -15.35
N TYR A 541 5.05 2.39 -16.07
CA TYR A 541 5.60 2.99 -17.27
C TYR A 541 4.72 4.20 -17.63
N GLY A 542 5.34 5.31 -17.98
CA GLY A 542 4.57 6.52 -18.22
C GLY A 542 5.47 7.67 -18.61
N ALA A 543 4.83 8.80 -18.87
CA ALA A 543 5.53 10.01 -19.28
C ALA A 543 4.83 11.22 -18.67
N ASP A 544 5.62 12.10 -18.06
CA ASP A 544 5.06 13.31 -17.47
C ASP A 544 4.29 14.10 -18.52
N THR A 545 3.08 14.53 -18.15
CA THR A 545 2.18 15.19 -19.09
C THR A 545 1.39 16.26 -18.35
N VAL A 546 1.55 17.51 -18.75
CA VAL A 546 0.84 18.62 -18.14
C VAL A 546 -0.47 18.80 -18.89
N SER A 547 -1.59 18.52 -18.21
CA SER A 547 -2.91 18.64 -18.83
C SER A 547 -3.10 20.02 -19.43
N GLY A 548 -3.34 20.08 -20.74
CA GLY A 548 -3.50 21.33 -21.46
C GLY A 548 -2.49 21.53 -22.57
N LEU A 549 -1.31 20.91 -22.46
CA LEU A 549 -0.27 21.05 -23.46
C LEU A 549 -0.53 20.09 -24.62
N HIS A 550 -0.65 20.64 -25.82
CA HIS A 550 -0.93 19.85 -27.01
C HIS A 550 -0.03 20.29 -28.15
N ASP A 551 0.12 19.39 -29.14
CA ASP A 551 0.69 19.77 -30.43
C ASP A 551 0.37 18.66 -31.43
N THR A 552 0.06 19.06 -32.66
CA THR A 552 -0.16 18.08 -33.72
C THR A 552 1.10 17.28 -34.00
N THR A 553 2.25 17.95 -34.00
CA THR A 553 3.55 17.30 -34.02
C THR A 553 4.06 17.29 -32.58
N SER A 554 3.91 16.15 -31.92
CA SER A 554 4.04 16.08 -30.47
C SER A 554 5.47 16.33 -30.01
N VAL A 555 5.60 16.88 -28.80
CA VAL A 555 6.85 16.99 -28.07
C VAL A 555 6.63 16.47 -26.66
N MET A 556 7.71 16.24 -25.94
CA MET A 556 7.60 15.73 -24.58
C MET A 556 6.78 16.70 -23.73
N TYR A 557 6.02 16.12 -22.79
CA TYR A 557 5.14 16.77 -21.80
C TYR A 557 3.76 17.12 -22.39
N THR A 558 3.51 16.89 -23.67
CA THR A 558 2.19 17.11 -24.22
C THR A 558 1.34 15.84 -24.12
N GLU A 559 0.02 16.03 -24.22
CA GLU A 559 -0.90 14.89 -24.15
C GLU A 559 -0.72 13.96 -25.34
N GLU A 560 -0.38 14.51 -26.52
CA GLU A 560 -0.15 13.68 -27.68
C GLU A 560 1.07 12.76 -27.48
N TYR A 561 2.17 13.30 -26.96
CA TYR A 561 3.34 12.48 -26.71
C TYR A 561 3.03 11.35 -25.73
N GLN A 562 2.27 11.65 -24.68
CA GLN A 562 1.91 10.61 -23.72
C GLN A 562 1.20 9.45 -24.40
N VAL A 563 0.26 9.75 -25.32
CA VAL A 563 -0.46 8.69 -26.01
C VAL A 563 0.49 7.90 -26.90
N GLU A 564 1.35 8.59 -27.65
CA GLU A 564 2.29 7.89 -28.53
C GLU A 564 3.25 7.02 -27.72
N TYR A 565 3.70 7.51 -26.58
CA TYR A 565 4.56 6.73 -25.70
C TYR A 565 3.89 5.41 -25.34
N TYR A 566 2.66 5.48 -24.84
CA TYR A 566 1.96 4.26 -24.47
C TYR A 566 1.64 3.39 -25.67
N GLU A 567 1.44 3.99 -26.84
CA GLU A 567 1.21 3.19 -28.04
C GLU A 567 2.42 2.33 -28.35
N MET A 568 3.61 2.94 -28.37
CA MET A 568 4.83 2.20 -28.66
C MET A 568 5.05 1.09 -27.64
N ASN A 569 4.96 1.40 -26.35
CA ASN A 569 5.18 0.40 -25.32
C ASN A 569 4.17 -0.75 -25.44
N ASN A 570 2.88 -0.42 -25.57
CA ASN A 570 1.87 -1.45 -25.64
C ASN A 570 2.04 -2.32 -26.89
N LYS A 571 2.53 -1.73 -27.98
CA LYS A 571 2.77 -2.53 -29.18
C LYS A 571 3.78 -3.63 -28.91
N VAL A 572 4.87 -3.30 -28.19
CA VAL A 572 5.88 -4.30 -27.86
C VAL A 572 5.35 -5.31 -26.85
N PHE A 573 4.51 -4.86 -25.91
CA PHE A 573 3.94 -5.79 -24.93
C PHE A 573 3.14 -6.89 -25.64
N ASP A 574 2.33 -6.51 -26.63
CA ASP A 574 1.46 -7.46 -27.31
C ASP A 574 2.20 -8.51 -28.13
N GLU A 575 3.53 -8.37 -28.29
CA GLU A 575 4.31 -9.31 -29.07
C GLU A 575 4.78 -10.51 -28.28
N PHE A 576 4.71 -10.46 -26.96
CA PHE A 576 5.31 -11.48 -26.10
C PHE A 576 4.21 -12.14 -25.28
N ASP A 577 3.99 -13.43 -25.52
CA ASP A 577 2.95 -14.18 -24.83
C ASP A 577 3.22 -14.33 -23.34
N PHE A 578 4.41 -13.98 -22.85
CA PHE A 578 4.73 -14.14 -21.44
C PHE A 578 4.53 -12.87 -20.62
N VAL A 579 4.22 -11.74 -21.26
CA VAL A 579 3.82 -10.56 -20.48
C VAL A 579 2.33 -10.71 -20.16
N VAL A 580 2.01 -10.63 -18.87
CA VAL A 580 0.66 -10.91 -18.40
C VAL A 580 0.03 -9.72 -17.72
N GLY A 581 0.67 -8.56 -17.79
CA GLY A 581 0.09 -7.39 -17.16
C GLY A 581 0.70 -6.08 -17.59
N GLU A 582 -0.15 -5.08 -17.80
CA GLU A 582 0.29 -3.70 -18.01
C GLU A 582 -0.34 -2.83 -16.95
N GLN A 583 0.49 -2.13 -16.19
CA GLN A 583 0.03 -1.23 -15.16
C GLN A 583 0.74 0.10 -15.38
N ALA A 584 -0.02 1.13 -15.74
CA ALA A 584 0.56 2.41 -16.07
C ALA A 584 0.93 3.18 -14.80
N TRP A 585 1.89 4.08 -14.95
CA TRP A 585 2.31 4.98 -13.88
C TRP A 585 2.14 6.40 -14.38
N ASN A 586 1.32 7.19 -13.69
CA ASN A 586 0.58 6.79 -12.51
C ASN A 586 -0.93 6.84 -12.83
N PHE A 587 -1.77 6.50 -11.86
CA PHE A 587 -3.21 6.68 -12.02
C PHE A 587 -3.58 8.16 -12.08
N ALA A 588 -2.99 8.97 -11.20
CA ALA A 588 -3.30 10.38 -11.12
C ALA A 588 -2.05 11.15 -10.74
N ASP A 589 -2.00 12.43 -11.15
CA ASP A 589 -0.91 13.30 -10.73
C ASP A 589 -0.88 13.38 -9.20
N PHE A 590 0.34 13.43 -8.65
CA PHE A 590 0.49 13.42 -7.19
C PHE A 590 1.66 14.29 -6.79
N ALA A 591 1.67 14.66 -5.51
CA ALA A 591 2.67 15.59 -5.00
C ALA A 591 3.99 14.90 -4.71
N THR A 592 5.09 15.60 -4.99
CA THR A 592 6.44 15.13 -4.71
C THR A 592 7.23 16.26 -4.06
N SER A 593 8.45 15.94 -3.65
CA SER A 593 9.35 16.99 -3.18
C SER A 593 9.75 17.89 -4.34
N GLN A 594 10.03 19.14 -4.04
CA GLN A 594 10.36 20.10 -5.08
C GLN A 594 11.70 19.75 -5.73
N SER A 595 11.74 19.91 -7.04
CA SER A 595 12.91 19.62 -7.85
C SER A 595 12.66 20.14 -9.26
N LEU A 596 13.75 20.43 -9.97
CA LEU A 596 13.63 20.89 -11.35
C LEU A 596 12.95 19.88 -12.25
N LEU A 597 12.97 18.59 -11.89
CA LEU A 597 12.38 17.54 -12.72
C LEU A 597 10.91 17.29 -12.43
N ARG A 598 10.33 17.97 -11.45
CA ARG A 598 8.94 17.74 -11.04
C ARG A 598 8.15 19.03 -11.22
N VAL A 599 7.21 19.03 -12.15
CA VAL A 599 6.43 20.21 -12.50
C VAL A 599 5.21 20.22 -11.58
N GLN A 600 5.37 20.82 -10.39
CA GLN A 600 4.36 20.80 -9.35
C GLN A 600 3.90 19.37 -9.07
N GLY A 601 4.87 18.51 -8.79
CA GLY A 601 4.61 17.11 -8.52
C GLY A 601 4.88 16.24 -9.73
N ASN A 602 4.48 14.98 -9.58
CA ASN A 602 4.66 14.00 -10.64
C ASN A 602 3.45 14.07 -11.57
N LYS A 603 3.71 14.34 -12.85
CA LYS A 603 2.64 14.54 -13.83
C LYS A 603 2.46 13.34 -14.75
N LYS A 604 2.92 12.16 -14.33
CA LYS A 604 2.77 10.97 -15.15
C LYS A 604 1.38 10.34 -15.07
N GLY A 605 0.44 10.99 -14.38
CA GLY A 605 -0.87 10.39 -14.20
C GLY A 605 -1.67 10.36 -15.49
N LEU A 606 -2.54 9.34 -15.60
CA LEU A 606 -3.52 9.34 -16.68
C LEU A 606 -4.62 10.35 -16.40
N PHE A 607 -4.91 10.60 -15.13
CA PHE A 607 -5.86 11.61 -14.70
C PHE A 607 -5.13 12.68 -13.90
N THR A 608 -5.74 13.86 -13.81
CA THR A 608 -5.17 14.92 -13.00
C THR A 608 -5.35 14.59 -11.52
N ARG A 609 -4.74 15.42 -10.66
CA ARG A 609 -4.88 15.16 -9.23
C ARG A 609 -6.34 15.18 -8.77
N ASP A 610 -7.17 16.03 -9.38
CA ASP A 610 -8.61 16.02 -9.13
C ASP A 610 -9.35 15.05 -10.05
N ARG A 611 -8.67 14.00 -10.52
CA ARG A 611 -9.28 12.85 -11.20
C ARG A 611 -9.94 13.22 -12.52
N LYS A 612 -9.50 14.31 -13.14
CA LYS A 612 -10.03 14.62 -14.47
C LYS A 612 -9.15 13.99 -15.55
N PRO A 613 -9.75 13.42 -16.58
CA PRO A 613 -8.97 12.61 -17.53
C PRO A 613 -8.16 13.44 -18.51
N LYS A 614 -6.91 13.02 -18.71
CA LYS A 614 -6.12 13.47 -19.84
C LYS A 614 -6.50 12.64 -21.07
N MET A 615 -5.95 13.03 -22.23
CA MET A 615 -6.32 12.34 -23.46
C MET A 615 -5.93 10.86 -23.41
N VAL A 616 -4.80 10.54 -22.76
CA VAL A 616 -4.36 9.16 -22.64
C VAL A 616 -5.35 8.30 -21.87
N ALA A 617 -6.18 8.91 -21.03
CA ALA A 617 -7.17 8.14 -20.29
C ALA A 617 -8.21 7.54 -21.22
N HIS A 618 -8.60 8.28 -22.26
CA HIS A 618 -9.54 7.76 -23.24
C HIS A 618 -8.87 6.77 -24.19
N TYR A 619 -7.55 6.90 -24.39
CA TYR A 619 -6.84 5.89 -25.17
C TYR A 619 -6.87 4.55 -24.46
N PHE A 620 -6.48 4.53 -23.18
CA PHE A 620 -6.45 3.27 -22.44
C PHE A 620 -7.84 2.67 -22.30
N ARG A 621 -8.86 3.53 -22.14
CA ARG A 621 -10.22 3.04 -22.05
C ARG A 621 -10.63 2.30 -23.32
N ASN A 622 -10.24 2.84 -24.48
CA ASN A 622 -10.56 2.16 -25.74
C ASN A 622 -9.76 0.87 -25.89
N ARG A 623 -8.49 0.87 -25.46
CA ARG A 623 -7.68 -0.34 -25.56
C ARG A 623 -8.14 -1.40 -24.57
N TRP A 624 -8.27 -1.02 -23.30
CA TRP A 624 -8.65 -2.00 -22.29
C TRP A 624 -10.05 -2.56 -22.52
N SER A 625 -10.88 -1.88 -23.32
CA SER A 625 -12.24 -2.35 -23.56
C SER A 625 -12.25 -3.61 -24.41
N THR A 626 -11.24 -3.80 -25.26
CA THR A 626 -11.15 -4.96 -26.12
C THR A 626 -10.30 -6.08 -25.54
N ILE A 627 -9.63 -5.85 -24.41
CA ILE A 627 -8.78 -6.85 -23.77
C ILE A 627 -9.56 -7.46 -22.61
N PRO A 628 -9.76 -8.78 -22.59
CA PRO A 628 -10.58 -9.39 -21.54
C PRO A 628 -9.79 -9.63 -20.26
N GLU A 629 -10.53 -9.93 -19.20
CA GLU A 629 -9.90 -10.27 -17.93
C GLU A 629 -9.11 -11.56 -18.05
N PHE A 630 -9.62 -12.52 -18.82
CA PHE A 630 -9.04 -13.85 -18.90
C PHE A 630 -8.84 -14.25 -20.35
N GLY A 631 -7.76 -14.98 -20.59
CA GLY A 631 -7.47 -15.52 -21.91
C GLY A 631 -7.17 -14.48 -22.96
N TYR A 632 -6.46 -13.41 -22.60
CA TYR A 632 -6.14 -12.37 -23.57
C TYR A 632 -5.36 -12.94 -24.75
N LYS A 633 -4.21 -13.56 -24.47
CA LYS A 633 -3.38 -14.12 -25.53
C LYS A 633 -2.91 -15.54 -25.24
N THR A 634 -3.35 -16.14 -24.13
CA THR A 634 -3.09 -17.55 -23.76
C THR A 634 -1.80 -18.16 -24.32
C1 BDP B . 9.60 5.13 -10.58
C2 BDP B . 9.09 5.19 -9.16
C3 BDP B . 8.10 6.23 -8.88
C4 BDP B . 8.42 7.51 -9.52
C5 BDP B . 8.60 7.34 -11.02
C6 BDP B . 8.85 8.58 -11.87
O2 BDP B . 8.47 3.95 -8.84
O3 BDP B . 8.03 6.39 -7.47
O4 BDP B . 7.39 8.45 -9.28
O5 BDP B . 9.66 6.39 -11.33
O6A BDP B . 10.04 8.91 -12.13
O1 BDP B . 10.88 4.54 -10.68
O6B BDP B . 7.87 9.25 -12.29
#